data_1AUO
#
_entry.id   1AUO
#
_cell.length_a   82.040
_cell.length_b   82.040
_cell.length_c   145.380
_cell.angle_alpha   90.00
_cell.angle_beta   90.00
_cell.angle_gamma   90.00
#
_symmetry.space_group_name_H-M   'P 41 21 2'
#
loop_
_entity.id
_entity.type
_entity.pdbx_description
1 polymer CARBOXYLESTERASE
2 water water
#
_entity_poly.entity_id   1
_entity_poly.type   'polypeptide(L)'
_entity_poly.pdbx_seq_one_letter_code
;MTEPLILQPAKPADACVIWLHGLGADRYDFMPVAEALQESLLTTRFVLPQAPTRPVTINGGYEMPSWYDIKAMSPARSIS
LEELEVSAKMVTDLIEAQKRTGIDASRIFLAGFSQGGAVVFHTAFINWQGPLGGVIALSTYAPTFGDELELSASQQRIPA
LCLHGQYDDVVQNAMGRSAFEHLKSRGVTVTWQEYPMGHEVLPQEIHDIGAWLAARLG
;
_entity_poly.pdbx_strand_id   A,B
#
# COMPACT_ATOMS: atom_id res chain seq x y z
N MET A 1 -25.75 3.35 -14.21
CA MET A 1 -25.00 2.10 -14.53
C MET A 1 -24.29 2.18 -15.89
N THR A 2 -22.97 2.30 -15.85
CA THR A 2 -22.14 2.00 -17.01
C THR A 2 -22.20 0.53 -17.33
N GLU A 3 -22.45 0.24 -18.60
CA GLU A 3 -22.53 -1.14 -19.04
C GLU A 3 -21.15 -1.83 -19.01
N PRO A 4 -21.13 -3.17 -18.88
CA PRO A 4 -19.84 -3.86 -18.87
C PRO A 4 -19.30 -3.95 -20.26
N LEU A 5 -17.97 -3.98 -20.39
CA LEU A 5 -17.35 -4.28 -21.66
C LEU A 5 -17.46 -5.79 -21.90
N ILE A 6 -17.64 -6.15 -23.16
CA ILE A 6 -17.79 -7.52 -23.55
C ILE A 6 -16.74 -7.61 -24.62
N LEU A 7 -15.64 -8.32 -24.32
CA LEU A 7 -14.57 -8.59 -25.27
C LEU A 7 -14.78 -9.94 -25.92
N GLN A 8 -14.93 -9.90 -27.24
CA GLN A 8 -15.28 -11.05 -28.00
C GLN A 8 -13.98 -11.82 -28.26
N PRO A 9 -14.05 -13.15 -28.13
CA PRO A 9 -12.91 -14.05 -28.33
C PRO A 9 -12.79 -14.33 -29.81
N ALA A 10 -11.77 -15.13 -30.15
CA ALA A 10 -11.44 -15.42 -31.53
C ALA A 10 -12.47 -16.30 -32.20
N LYS A 11 -12.96 -17.30 -31.47
CA LYS A 11 -13.99 -18.23 -31.99
C LYS A 11 -15.29 -18.03 -31.22
N PRO A 12 -16.40 -18.65 -31.66
CA PRO A 12 -17.63 -18.44 -30.90
C PRO A 12 -17.45 -18.86 -29.44
N ALA A 13 -17.99 -18.06 -28.52
CA ALA A 13 -17.79 -18.28 -27.10
C ALA A 13 -18.58 -19.47 -26.53
N ASP A 14 -17.91 -20.27 -25.69
CA ASP A 14 -18.55 -21.36 -24.95
C ASP A 14 -18.14 -21.36 -23.44
N ALA A 15 -17.43 -20.31 -23.04
CA ALA A 15 -16.99 -20.06 -21.66
C ALA A 15 -16.99 -18.54 -21.44
N CYS A 16 -16.87 -18.14 -20.18
CA CYS A 16 -16.91 -16.71 -19.87
C CYS A 16 -16.26 -16.38 -18.52
N VAL A 17 -15.37 -15.40 -18.50
CA VAL A 17 -14.84 -14.83 -17.25
C VAL A 17 -15.48 -13.47 -17.03
N ILE A 18 -16.17 -13.32 -15.92
CA ILE A 18 -16.57 -12.02 -15.45
C ILE A 18 -15.46 -11.48 -14.52
N TRP A 19 -14.91 -10.31 -14.86
CA TRP A 19 -13.77 -9.74 -14.13
C TRP A 19 -13.98 -8.37 -13.52
N LEU A 20 -13.85 -8.31 -12.20
CA LEU A 20 -14.09 -7.11 -11.45
C LEU A 20 -12.79 -6.43 -11.14
N HIS A 21 -12.83 -5.13 -11.31
CA HIS A 21 -11.73 -4.29 -11.01
C HIS A 21 -11.73 -3.90 -9.55
N GLY A 22 -10.67 -3.19 -9.15
CA GLY A 22 -10.60 -2.75 -7.77
C GLY A 22 -11.00 -1.31 -7.61
N LEU A 23 -10.77 -0.79 -6.43
CA LEU A 23 -11.25 0.50 -6.03
C LEU A 23 -10.78 1.59 -6.97
N GLY A 24 -11.76 2.35 -7.47
CA GLY A 24 -11.47 3.56 -8.25
C GLY A 24 -11.04 3.40 -9.70
N ALA A 25 -11.14 2.17 -10.22
CA ALA A 25 -10.70 1.91 -11.57
C ALA A 25 -11.99 1.80 -12.36
N ASP A 26 -11.89 1.59 -13.66
CA ASP A 26 -13.07 1.41 -14.47
C ASP A 26 -13.07 0.07 -15.22
N ARG A 27 -14.07 -0.14 -16.06
CA ARG A 27 -14.18 -1.35 -16.85
C ARG A 27 -12.97 -1.62 -17.72
N TYR A 28 -12.20 -0.58 -18.03
CA TYR A 28 -11.08 -0.76 -18.95
C TYR A 28 -9.81 -1.26 -18.29
N ASP A 29 -9.66 -0.95 -17.02
CA ASP A 29 -8.46 -1.27 -16.28
C ASP A 29 -7.93 -2.66 -16.52
N PHE A 30 -8.82 -3.64 -16.62
CA PHE A 30 -8.39 -4.99 -16.97
C PHE A 30 -8.53 -5.45 -18.43
N MET A 31 -8.84 -4.53 -19.32
CA MET A 31 -8.93 -4.89 -20.73
C MET A 31 -7.65 -5.50 -21.29
N PRO A 32 -6.48 -4.89 -21.01
CA PRO A 32 -5.25 -5.47 -21.58
C PRO A 32 -4.97 -6.90 -21.14
N VAL A 33 -5.33 -7.23 -19.88
CA VAL A 33 -5.26 -8.59 -19.32
C VAL A 33 -6.23 -9.55 -20.01
N ALA A 34 -7.49 -9.14 -20.21
CA ALA A 34 -8.47 -10.01 -20.82
C ALA A 34 -8.01 -10.33 -22.25
N GLU A 35 -7.34 -9.37 -22.88
CA GLU A 35 -6.85 -9.53 -24.24
C GLU A 35 -5.65 -10.43 -24.38
N ALA A 36 -4.74 -10.39 -23.39
CA ALA A 36 -3.57 -11.26 -23.34
C ALA A 36 -4.05 -12.72 -23.24
N LEU A 37 -5.07 -12.97 -22.42
CA LEU A 37 -5.61 -14.30 -22.19
C LEU A 37 -6.41 -14.81 -23.39
N GLN A 38 -7.16 -13.93 -24.04
CA GLN A 38 -7.89 -14.35 -25.25
C GLN A 38 -6.99 -14.78 -26.42
N GLU A 39 -5.69 -14.51 -26.32
CA GLU A 39 -4.72 -15.02 -27.30
C GLU A 39 -4.57 -16.54 -27.28
N SER A 40 -4.82 -17.15 -26.12
CA SER A 40 -4.69 -18.59 -25.96
C SER A 40 -6.06 -19.15 -25.68
N LEU A 41 -6.92 -18.37 -25.03
CA LEU A 41 -8.29 -18.87 -24.82
C LEU A 41 -9.20 -18.40 -25.95
N LEU A 42 -9.37 -19.28 -26.94
CA LEU A 42 -9.96 -18.89 -28.23
C LEU A 42 -11.48 -18.82 -28.18
N THR A 43 -12.06 -19.44 -27.15
CA THR A 43 -13.54 -19.43 -26.98
C THR A 43 -14.06 -18.90 -25.68
N THR A 44 -13.31 -18.02 -25.04
CA THR A 44 -13.68 -17.55 -23.70
C THR A 44 -13.93 -16.00 -23.78
N ARG A 45 -15.20 -15.62 -23.60
CA ARG A 45 -15.64 -14.21 -23.50
C ARG A 45 -15.14 -13.58 -22.19
N PHE A 46 -14.69 -12.33 -22.23
CA PHE A 46 -14.45 -11.59 -21.00
C PHE A 46 -15.49 -10.54 -20.87
N VAL A 47 -16.12 -10.49 -19.70
CA VAL A 47 -17.10 -9.45 -19.34
C VAL A 47 -16.56 -8.63 -18.18
N LEU A 48 -16.21 -7.40 -18.54
CA LEU A 48 -15.62 -6.45 -17.63
C LEU A 48 -16.61 -5.41 -17.07
N PRO A 49 -17.33 -5.76 -15.99
CA PRO A 49 -18.17 -4.72 -15.37
C PRO A 49 -17.51 -3.51 -14.75
N GLN A 50 -18.32 -2.51 -14.54
CA GLN A 50 -17.87 -1.33 -13.81
C GLN A 50 -18.75 -1.06 -12.62
N ALA A 51 -18.09 -0.91 -11.47
CA ALA A 51 -18.71 -0.56 -10.19
C ALA A 51 -19.49 0.75 -10.32
N PRO A 52 -20.60 0.90 -9.58
CA PRO A 52 -21.23 2.21 -9.39
C PRO A 52 -20.27 3.30 -8.95
N THR A 53 -20.44 4.50 -9.47
CA THR A 53 -19.75 5.64 -8.94
C THR A 53 -20.44 6.02 -7.64
N ARG A 54 -19.71 6.06 -6.53
CA ARG A 54 -20.31 6.44 -5.23
C ARG A 54 -19.27 6.99 -4.28
N PRO A 55 -19.70 7.64 -3.18
CA PRO A 55 -18.72 8.29 -2.30
C PRO A 55 -17.89 7.23 -1.64
N VAL A 56 -16.59 7.46 -1.60
CA VAL A 56 -15.70 6.59 -0.85
C VAL A 56 -15.15 7.35 0.37
N THR A 57 -15.50 6.87 1.56
CA THR A 57 -15.10 7.56 2.79
C THR A 57 -13.62 7.82 3.00
N ILE A 58 -12.76 6.82 2.89
CA ILE A 58 -11.31 7.04 3.00
C ILE A 58 -10.73 8.07 2.01
N ASN A 59 -11.53 8.43 1.01
CA ASN A 59 -11.06 9.38 0.02
C ASN A 59 -11.82 10.69 0.11
N GLY A 60 -12.32 10.98 1.30
CA GLY A 60 -12.91 12.27 1.56
C GLY A 60 -14.32 12.33 1.00
N GLY A 61 -14.91 11.16 0.79
CA GLY A 61 -16.18 11.08 0.10
C GLY A 61 -16.11 11.40 -1.38
N TYR A 62 -14.91 11.38 -1.98
CA TYR A 62 -14.75 11.46 -3.44
C TYR A 62 -15.53 10.36 -4.12
N GLU A 63 -16.37 10.74 -5.07
CA GLU A 63 -17.08 9.80 -5.91
C GLU A 63 -16.23 9.20 -7.01
N MET A 64 -16.26 7.87 -7.03
CA MET A 64 -15.41 7.11 -7.92
C MET A 64 -15.99 5.72 -8.00
N PRO A 65 -15.55 4.93 -8.98
CA PRO A 65 -16.16 3.60 -9.00
C PRO A 65 -15.71 2.79 -7.77
N SER A 66 -16.66 2.19 -7.06
CA SER A 66 -16.34 1.48 -5.82
C SER A 66 -17.40 0.43 -5.57
N TRP A 67 -16.97 -0.80 -5.31
CA TRP A 67 -17.88 -1.92 -5.02
C TRP A 67 -18.56 -1.87 -3.64
N TYR A 68 -17.93 -1.14 -2.73
CA TYR A 68 -18.44 -0.93 -1.38
C TYR A 68 -17.59 0.13 -0.70
N ASP A 69 -18.18 0.83 0.25
CA ASP A 69 -17.41 1.85 0.96
C ASP A 69 -16.32 1.28 1.88
N ILE A 70 -15.20 1.98 1.92
CA ILE A 70 -14.20 1.70 2.93
C ILE A 70 -14.13 2.93 3.79
N LYS A 71 -14.28 2.71 5.09
CA LYS A 71 -14.49 3.80 6.02
C LYS A 71 -13.30 3.95 6.94
N ALA A 72 -12.41 2.98 6.92
CA ALA A 72 -11.18 3.07 7.70
C ALA A 72 -10.16 2.08 7.19
N MET A 73 -8.92 2.52 7.13
CA MET A 73 -7.82 1.64 6.72
C MET A 73 -7.24 0.89 7.92
N SER A 74 -7.09 1.61 9.03
CA SER A 74 -6.47 1.07 10.25
C SER A 74 -7.24 1.48 11.51
N PRO A 75 -7.20 0.63 12.55
CA PRO A 75 -6.49 -0.66 12.55
C PRO A 75 -7.32 -1.79 11.94
N ALA A 76 -8.63 -1.62 11.90
CA ALA A 76 -9.50 -2.60 11.26
C ALA A 76 -10.02 -1.97 9.98
N ARG A 77 -9.84 -2.67 8.86
CA ARG A 77 -10.48 -2.28 7.61
C ARG A 77 -12.00 -2.35 7.74
N SER A 78 -12.60 -1.17 7.88
CA SER A 78 -14.02 -1.03 8.12
C SER A 78 -14.73 -0.72 6.80
N ILE A 79 -15.67 -1.58 6.42
CA ILE A 79 -16.40 -1.48 5.15
C ILE A 79 -17.95 -1.47 5.20
N SER A 80 -18.56 -1.00 4.11
CA SER A 80 -20.02 -1.14 3.91
C SER A 80 -20.41 -2.55 3.46
N LEU A 81 -21.06 -3.28 4.35
CA LEU A 81 -21.47 -4.64 4.03
C LEU A 81 -22.71 -4.57 3.17
N GLU A 82 -23.47 -3.51 3.36
CA GLU A 82 -24.67 -3.31 2.58
C GLU A 82 -24.36 -3.04 1.12
N GLU A 83 -23.32 -2.25 0.85
CA GLU A 83 -22.86 -1.98 -0.51
C GLU A 83 -22.17 -3.18 -1.13
N LEU A 84 -21.57 -4.06 -0.31
CA LEU A 84 -20.92 -5.23 -0.90
C LEU A 84 -22.00 -6.21 -1.43
N GLU A 85 -23.09 -6.37 -0.71
CA GLU A 85 -24.08 -7.36 -1.04
C GLU A 85 -24.87 -6.96 -2.28
N VAL A 86 -24.98 -5.65 -2.49
CA VAL A 86 -25.57 -5.10 -3.72
C VAL A 86 -24.70 -5.41 -4.89
N SER A 87 -23.39 -5.15 -4.75
CA SER A 87 -22.44 -5.51 -5.82
C SER A 87 -22.50 -6.98 -6.09
N ALA A 88 -22.61 -7.77 -5.04
CA ALA A 88 -22.65 -9.20 -5.18
C ALA A 88 -23.91 -9.66 -5.90
N LYS A 89 -25.00 -8.94 -5.68
CA LYS A 89 -26.29 -9.23 -6.32
C LYS A 89 -26.21 -8.88 -7.80
N MET A 90 -25.50 -7.78 -8.11
CA MET A 90 -25.21 -7.36 -9.46
C MET A 90 -24.52 -8.45 -10.21
N VAL A 91 -23.50 -9.07 -9.59
CA VAL A 91 -22.66 -10.05 -10.31
C VAL A 91 -23.40 -11.33 -10.59
N THR A 92 -24.31 -11.69 -9.68
CA THR A 92 -25.18 -12.82 -9.85
C THR A 92 -26.21 -12.57 -10.99
N ASP A 93 -26.68 -11.34 -11.13
CA ASP A 93 -27.52 -11.03 -12.30
C ASP A 93 -26.72 -11.21 -13.60
N LEU A 94 -25.45 -10.81 -13.58
CA LEU A 94 -24.53 -10.97 -14.70
C LEU A 94 -24.31 -12.40 -15.12
N ILE A 95 -24.07 -13.26 -14.13
CA ILE A 95 -23.91 -14.67 -14.42
C ILE A 95 -25.19 -15.10 -15.14
N GLU A 96 -26.35 -14.70 -14.62
CA GLU A 96 -27.60 -15.20 -15.22
C GLU A 96 -27.75 -14.62 -16.63
N ALA A 97 -27.36 -13.35 -16.80
CA ALA A 97 -27.41 -12.70 -18.12
C ALA A 97 -26.50 -13.42 -19.10
N GLN A 98 -25.40 -14.00 -18.60
CA GLN A 98 -24.50 -14.77 -19.44
C GLN A 98 -24.98 -16.16 -19.77
N LYS A 99 -25.61 -16.84 -18.81
CA LYS A 99 -26.24 -18.11 -19.12
C LYS A 99 -27.29 -17.98 -20.23
N ARG A 100 -28.09 -16.91 -20.17
CA ARG A 100 -29.12 -16.65 -21.21
C ARG A 100 -28.59 -16.48 -22.65
N THR A 101 -27.33 -16.08 -22.76
CA THR A 101 -26.67 -15.97 -24.05
C THR A 101 -26.18 -17.33 -24.53
N GLY A 102 -26.42 -18.37 -23.74
CA GLY A 102 -26.01 -19.71 -24.11
C GLY A 102 -24.66 -20.19 -23.59
N ILE A 103 -24.11 -19.55 -22.56
CA ILE A 103 -22.92 -20.11 -21.91
C ILE A 103 -23.33 -20.94 -20.69
N ASP A 104 -22.91 -22.19 -20.71
CA ASP A 104 -23.09 -23.15 -19.62
C ASP A 104 -22.42 -22.71 -18.32
N ALA A 105 -23.21 -22.65 -17.27
CA ALA A 105 -22.78 -22.09 -15.98
C ALA A 105 -21.49 -22.73 -15.47
N SER A 106 -21.28 -23.98 -15.84
CA SER A 106 -20.01 -24.65 -15.50
C SER A 106 -18.80 -24.07 -16.25
N ARG A 107 -19.05 -23.23 -17.26
CA ARG A 107 -17.97 -22.56 -17.96
C ARG A 107 -17.98 -21.03 -17.80
N ILE A 108 -18.56 -20.55 -16.70
CA ILE A 108 -18.47 -19.16 -16.31
C ILE A 108 -17.59 -19.07 -15.10
N PHE A 109 -16.60 -18.19 -15.15
CA PHE A 109 -15.69 -17.94 -14.04
C PHE A 109 -15.80 -16.51 -13.56
N LEU A 110 -15.55 -16.34 -12.27
CA LEU A 110 -15.54 -15.01 -11.67
C LEU A 110 -14.11 -14.70 -11.34
N ALA A 111 -13.64 -13.51 -11.75
CA ALA A 111 -12.38 -12.97 -11.30
C ALA A 111 -12.45 -11.56 -10.72
N GLY A 112 -11.58 -11.33 -9.76
CA GLY A 112 -11.65 -10.08 -9.04
C GLY A 112 -10.29 -9.69 -8.58
N PHE A 113 -10.01 -8.38 -8.62
CA PHE A 113 -8.76 -7.87 -8.14
C PHE A 113 -9.00 -6.93 -6.99
N SER A 114 -8.38 -7.21 -5.84
CA SER A 114 -8.46 -6.29 -4.73
C SER A 114 -9.89 -6.13 -4.26
N GLN A 115 -10.38 -4.89 -4.23
CA GLN A 115 -11.77 -4.64 -3.84
C GLN A 115 -12.80 -5.47 -4.63
N GLY A 116 -12.48 -5.80 -5.90
CA GLY A 116 -13.37 -6.58 -6.72
C GLY A 116 -13.37 -8.04 -6.28
N GLY A 117 -12.18 -8.51 -5.92
CA GLY A 117 -12.02 -9.87 -5.42
C GLY A 117 -12.87 -10.16 -4.21
N ALA A 118 -13.08 -9.20 -3.32
CA ALA A 118 -13.91 -9.40 -2.13
C ALA A 118 -15.40 -9.61 -2.46
N VAL A 119 -15.79 -9.17 -3.65
CA VAL A 119 -17.20 -9.31 -4.12
C VAL A 119 -17.39 -10.65 -4.81
N VAL A 120 -16.30 -11.10 -5.46
CA VAL A 120 -16.25 -12.39 -6.10
C VAL A 120 -16.25 -13.58 -5.09
N PHE A 121 -15.56 -13.43 -3.98
CA PHE A 121 -15.63 -14.42 -2.90
C PHE A 121 -17.05 -14.54 -2.31
N HIS A 122 -17.67 -13.40 -2.00
CA HIS A 122 -19.01 -13.38 -1.48
C HIS A 122 -20.02 -13.93 -2.46
N THR A 123 -19.92 -13.51 -3.71
CA THR A 123 -20.81 -14.09 -4.72
C THR A 123 -20.78 -15.62 -4.79
N ALA A 124 -19.58 -16.20 -4.97
CA ALA A 124 -19.52 -17.59 -5.36
C ALA A 124 -19.80 -18.54 -4.23
N PHE A 125 -19.45 -18.14 -3.01
CA PHE A 125 -19.38 -19.08 -1.88
C PHE A 125 -20.40 -18.71 -0.82
N ILE A 126 -21.09 -17.61 -1.04
CA ILE A 126 -22.14 -17.23 -0.15
C ILE A 126 -23.46 -17.17 -0.87
N ASN A 127 -23.50 -16.45 -1.99
CA ASN A 127 -24.74 -16.21 -2.75
C ASN A 127 -25.11 -17.27 -3.77
N TRP A 128 -24.12 -17.76 -4.52
CA TRP A 128 -24.38 -18.65 -5.65
C TRP A 128 -24.71 -20.10 -5.29
N GLN A 129 -25.81 -20.63 -5.82
CA GLN A 129 -26.26 -22.01 -5.49
C GLN A 129 -26.20 -22.97 -6.65
N GLY A 130 -25.54 -22.58 -7.72
CA GLY A 130 -25.51 -23.46 -8.86
C GLY A 130 -24.13 -23.93 -9.20
N PRO A 131 -23.98 -24.62 -10.33
CA PRO A 131 -22.68 -24.83 -10.96
C PRO A 131 -21.92 -23.52 -11.16
N LEU A 132 -20.61 -23.64 -11.31
CA LEU A 132 -19.76 -22.49 -11.59
C LEU A 132 -18.38 -22.97 -11.96
N GLY A 133 -17.81 -22.34 -12.98
CA GLY A 133 -16.51 -22.77 -13.43
C GLY A 133 -15.39 -22.65 -12.41
N GLY A 134 -15.41 -21.57 -11.64
CA GLY A 134 -14.20 -21.21 -10.91
C GLY A 134 -14.22 -19.82 -10.41
N VAL A 135 -13.39 -19.59 -9.38
CA VAL A 135 -13.16 -18.26 -8.88
C VAL A 135 -11.66 -17.97 -8.97
N ILE A 136 -11.31 -16.78 -9.42
CA ILE A 136 -9.90 -16.40 -9.54
C ILE A 136 -9.71 -15.14 -8.73
N ALA A 137 -8.99 -15.28 -7.62
CA ALA A 137 -8.94 -14.18 -6.68
C ALA A 137 -7.56 -13.53 -6.60
N LEU A 138 -7.53 -12.27 -7.02
CA LEU A 138 -6.28 -11.54 -7.18
C LEU A 138 -6.03 -10.47 -6.14
N SER A 139 -4.92 -10.64 -5.42
CA SER A 139 -4.52 -9.69 -4.39
C SER A 139 -5.67 -9.14 -3.60
N THR A 140 -6.32 -10.03 -2.87
CA THR A 140 -7.59 -9.75 -2.25
C THR A 140 -7.81 -10.45 -0.90
N TYR A 141 -9.07 -10.63 -0.51
CA TYR A 141 -9.41 -11.12 0.82
C TYR A 141 -10.91 -11.21 0.95
N ALA A 142 -11.41 -12.02 1.89
CA ALA A 142 -12.83 -12.15 1.99
C ALA A 142 -13.30 -11.58 3.31
N PRO A 143 -13.71 -10.30 3.32
CA PRO A 143 -14.16 -9.63 4.54
C PRO A 143 -15.40 -10.30 5.07
N THR A 144 -16.10 -11.07 4.24
CA THR A 144 -17.38 -11.59 4.69
C THR A 144 -17.27 -13.04 5.07
N PHE A 145 -16.08 -13.63 4.98
CA PHE A 145 -15.90 -15.01 5.42
C PHE A 145 -15.69 -15.01 6.93
N GLY A 146 -16.00 -16.14 7.57
CA GLY A 146 -15.82 -16.20 9.01
C GLY A 146 -15.99 -17.63 9.43
N ASP A 147 -15.57 -17.90 10.66
CA ASP A 147 -15.76 -19.20 11.26
C ASP A 147 -17.18 -19.76 11.15
N GLU A 148 -18.17 -18.89 10.97
CA GLU A 148 -19.53 -19.36 10.74
C GLU A 148 -19.87 -19.66 9.29
N LEU A 149 -18.93 -19.43 8.38
CA LEU A 149 -19.16 -19.75 6.96
C LEU A 149 -19.52 -21.23 6.81
N GLU A 150 -20.59 -21.58 6.10
CA GLU A 150 -20.82 -22.97 5.74
C GLU A 150 -21.16 -23.07 4.27
N LEU A 151 -20.61 -24.06 3.60
CA LEU A 151 -20.78 -24.16 2.16
C LEU A 151 -21.70 -25.27 1.80
N SER A 152 -22.62 -24.98 0.88
CA SER A 152 -23.51 -25.99 0.35
C SER A 152 -22.70 -26.95 -0.49
N ALA A 153 -23.30 -28.07 -0.88
CA ALA A 153 -22.62 -29.08 -1.63
C ALA A 153 -22.15 -28.48 -2.96
N SER A 154 -23.00 -27.62 -3.55
CA SER A 154 -22.61 -26.99 -4.82
C SER A 154 -21.39 -26.06 -4.67
N GLN A 155 -21.36 -25.28 -3.60
CA GLN A 155 -20.34 -24.24 -3.45
C GLN A 155 -18.99 -24.93 -3.23
N GLN A 156 -19.06 -26.09 -2.58
CA GLN A 156 -17.87 -26.86 -2.29
C GLN A 156 -17.11 -27.28 -3.53
N ARG A 157 -17.82 -27.41 -4.64
CA ARG A 157 -17.27 -27.99 -5.86
C ARG A 157 -16.86 -26.93 -6.87
N ILE A 158 -16.92 -25.69 -6.43
CA ILE A 158 -16.35 -24.62 -7.23
C ILE A 158 -14.86 -24.49 -6.92
N PRO A 159 -14.00 -24.69 -7.93
CA PRO A 159 -12.55 -24.58 -7.76
C PRO A 159 -12.16 -23.11 -7.71
N ALA A 160 -11.06 -22.83 -7.03
CA ALA A 160 -10.63 -21.46 -6.82
C ALA A 160 -9.12 -21.33 -6.98
N LEU A 161 -8.69 -20.18 -7.46
CA LEU A 161 -7.28 -19.89 -7.56
C LEU A 161 -6.96 -18.53 -6.98
N CYS A 162 -6.08 -18.55 -5.98
CA CYS A 162 -5.78 -17.40 -5.15
C CYS A 162 -4.36 -16.98 -5.33
N LEU A 163 -4.19 -15.74 -5.77
CA LEU A 163 -2.89 -15.23 -6.18
C LEU A 163 -2.63 -13.96 -5.38
N HIS A 164 -1.36 -13.73 -5.04
CA HIS A 164 -1.02 -12.65 -4.14
C HIS A 164 0.46 -12.28 -4.20
N GLY A 165 0.74 -11.03 -3.86
CA GLY A 165 2.10 -10.58 -3.74
C GLY A 165 2.62 -10.85 -2.34
N GLN A 166 3.91 -11.17 -2.31
CA GLN A 166 4.62 -11.23 -1.04
C GLN A 166 4.68 -9.89 -0.38
N TYR A 167 4.82 -8.82 -1.17
CA TYR A 167 5.05 -7.51 -0.62
C TYR A 167 3.89 -6.55 -0.65
N ASP A 168 2.67 -7.07 -0.78
CA ASP A 168 1.46 -6.28 -0.85
C ASP A 168 1.18 -5.57 0.48
N ASP A 169 1.30 -4.25 0.48
CA ASP A 169 1.04 -3.43 1.66
C ASP A 169 -0.38 -2.96 1.89
N VAL A 170 -1.31 -3.25 0.99
CA VAL A 170 -2.68 -2.70 1.05
C VAL A 170 -3.59 -3.83 1.50
N VAL A 171 -3.48 -4.93 0.78
CA VAL A 171 -4.00 -6.21 1.22
C VAL A 171 -2.86 -7.17 1.58
N GLN A 172 -2.73 -7.41 2.89
CA GLN A 172 -1.65 -8.21 3.44
C GLN A 172 -1.71 -9.60 2.92
N ASN A 173 -0.53 -10.13 2.59
CA ASN A 173 -0.40 -11.47 2.07
C ASN A 173 -1.22 -12.43 2.96
N ALA A 174 -1.19 -12.18 4.27
CA ALA A 174 -1.92 -13.04 5.22
C ALA A 174 -3.44 -12.99 5.08
N MET A 175 -3.98 -11.80 4.80
CA MET A 175 -5.41 -11.65 4.63
C MET A 175 -5.87 -12.43 3.42
N GLY A 176 -5.04 -12.49 2.38
CA GLY A 176 -5.40 -13.21 1.17
C GLY A 176 -5.24 -14.71 1.46
N ARG A 177 -4.18 -15.02 2.22
CA ARG A 177 -3.98 -16.41 2.60
C ARG A 177 -5.05 -16.93 3.56
N SER A 178 -5.61 -16.06 4.40
CA SER A 178 -6.73 -16.39 5.33
C SER A 178 -8.06 -16.72 4.65
N ALA A 179 -8.31 -16.08 3.50
CA ALA A 179 -9.46 -16.46 2.66
C ALA A 179 -9.21 -17.81 1.97
N PHE A 180 -8.01 -18.05 1.52
CA PHE A 180 -7.63 -19.33 0.90
C PHE A 180 -7.78 -20.46 1.94
N GLU A 181 -7.49 -20.12 3.19
CA GLU A 181 -7.50 -21.16 4.24
C GLU A 181 -8.89 -21.52 4.66
N HIS A 182 -9.80 -20.55 4.62
CA HIS A 182 -11.21 -20.83 4.83
C HIS A 182 -11.78 -21.87 3.91
N LEU A 183 -11.32 -21.87 2.67
CA LEU A 183 -11.95 -22.65 1.63
C LEU A 183 -11.25 -24.01 1.68
N LYS A 184 -9.94 -23.96 1.80
CA LYS A 184 -9.13 -25.17 1.95
C LYS A 184 -9.65 -26.04 3.09
N SER A 185 -9.95 -25.44 4.24
CA SER A 185 -10.38 -26.22 5.40
C SER A 185 -11.77 -26.78 5.19
N ARG A 186 -12.47 -26.32 4.14
CA ARG A 186 -13.84 -26.74 3.98
C ARG A 186 -14.03 -27.67 2.78
N GLY A 187 -12.93 -28.13 2.21
CA GLY A 187 -12.98 -29.15 1.20
C GLY A 187 -12.98 -28.61 -0.22
N VAL A 188 -12.77 -27.31 -0.40
CA VAL A 188 -12.79 -26.64 -1.70
C VAL A 188 -11.41 -26.88 -2.30
N THR A 189 -11.40 -27.38 -3.54
CA THR A 189 -10.21 -27.45 -4.33
C THR A 189 -9.74 -26.03 -4.60
N VAL A 190 -8.58 -25.72 -4.02
CA VAL A 190 -8.07 -24.36 -4.05
C VAL A 190 -6.56 -24.38 -4.18
N THR A 191 -6.08 -23.44 -5.01
CA THR A 191 -4.67 -23.28 -5.29
C THR A 191 -4.18 -21.95 -4.76
N TRP A 192 -2.99 -21.97 -4.21
CA TRP A 192 -2.35 -20.75 -3.78
C TRP A 192 -1.04 -20.46 -4.54
N GLN A 193 -0.92 -19.23 -5.02
CA GLN A 193 0.28 -18.80 -5.74
C GLN A 193 0.73 -17.46 -5.22
N GLU A 194 2.02 -17.32 -4.93
CA GLU A 194 2.57 -16.04 -4.55
C GLU A 194 3.60 -15.58 -5.58
N TYR A 195 3.81 -14.26 -5.65
CA TYR A 195 4.77 -13.69 -6.58
C TYR A 195 5.46 -12.55 -5.90
N PRO A 196 6.73 -12.29 -6.24
CA PRO A 196 7.50 -11.17 -5.68
C PRO A 196 7.03 -9.82 -6.28
N MET A 197 6.02 -9.23 -5.68
CA MET A 197 5.45 -7.98 -6.17
C MET A 197 4.65 -7.43 -5.03
N GLY A 198 4.03 -6.30 -5.29
CA GLY A 198 3.12 -5.71 -4.32
C GLY A 198 1.70 -5.87 -4.83
N HIS A 199 0.95 -4.78 -4.79
CA HIS A 199 -0.49 -4.82 -5.02
C HIS A 199 -0.70 -4.43 -6.46
N GLU A 200 -0.47 -5.39 -7.32
CA GLU A 200 -0.33 -5.15 -8.72
C GLU A 200 -0.54 -6.50 -9.38
N VAL A 201 -0.44 -6.52 -10.71
CA VAL A 201 -0.56 -7.75 -11.51
C VAL A 201 0.68 -7.95 -12.37
N LEU A 202 1.24 -9.17 -12.35
CA LEU A 202 2.45 -9.37 -13.11
C LEU A 202 2.21 -10.27 -14.26
N PRO A 203 3.01 -10.11 -15.29
CA PRO A 203 2.87 -10.91 -16.51
C PRO A 203 2.89 -12.41 -16.28
N GLN A 204 3.60 -12.86 -15.24
CA GLN A 204 3.74 -14.28 -15.02
C GLN A 204 2.50 -14.78 -14.33
N GLU A 205 1.93 -13.92 -13.47
CA GLU A 205 0.69 -14.19 -12.79
C GLU A 205 -0.47 -14.34 -13.78
N ILE A 206 -0.43 -13.58 -14.85
CA ILE A 206 -1.43 -13.73 -15.94
C ILE A 206 -1.24 -15.03 -16.72
N HIS A 207 0.01 -15.44 -16.92
CA HIS A 207 0.30 -16.71 -17.59
C HIS A 207 -0.27 -17.85 -16.80
N ASP A 208 -0.11 -17.77 -15.49
CA ASP A 208 -0.55 -18.83 -14.58
C ASP A 208 -2.07 -18.92 -14.54
N ILE A 209 -2.72 -17.76 -14.63
CA ILE A 209 -4.20 -17.70 -14.72
C ILE A 209 -4.64 -18.34 -16.02
N GLY A 210 -3.90 -18.10 -17.11
CA GLY A 210 -4.23 -18.73 -18.37
C GLY A 210 -4.09 -20.23 -18.33
N ALA A 211 -2.95 -20.71 -17.79
CA ALA A 211 -2.73 -22.12 -17.61
C ALA A 211 -3.86 -22.74 -16.82
N TRP A 212 -4.28 -22.06 -15.75
CA TRP A 212 -5.29 -22.57 -14.81
C TRP A 212 -6.69 -22.57 -15.45
N LEU A 213 -7.01 -21.55 -16.24
CA LEU A 213 -8.29 -21.57 -16.93
C LEU A 213 -8.30 -22.64 -18.04
N ALA A 214 -7.20 -22.74 -18.79
CA ALA A 214 -7.11 -23.70 -19.88
C ALA A 214 -7.27 -25.13 -19.34
N ALA A 215 -6.89 -25.32 -18.08
CA ALA A 215 -7.02 -26.66 -17.44
C ALA A 215 -8.46 -27.00 -17.05
N ARG A 216 -9.19 -25.99 -16.57
CA ARG A 216 -10.56 -26.12 -16.13
C ARG A 216 -11.51 -26.28 -17.32
N LEU A 217 -11.16 -25.63 -18.43
CA LEU A 217 -11.97 -25.62 -19.65
C LEU A 217 -11.79 -26.83 -20.56
N GLY A 218 -10.61 -27.44 -20.53
CA GLY A 218 -10.31 -28.55 -21.42
C GLY A 218 -10.93 -29.87 -20.99
N MET B 1 1.52 14.33 25.35
CA MET B 1 2.77 15.12 25.15
C MET B 1 4.04 14.33 25.51
N THR B 2 3.98 13.00 25.31
CA THR B 2 5.04 12.07 25.71
C THR B 2 6.44 12.50 25.27
N GLU B 3 7.43 12.16 26.09
CA GLU B 3 8.81 12.62 25.89
C GLU B 3 9.61 11.70 24.97
N PRO B 4 10.65 12.24 24.31
CA PRO B 4 11.47 11.42 23.40
C PRO B 4 12.29 10.36 24.12
N LEU B 5 12.54 9.26 23.43
CA LEU B 5 13.54 8.27 23.84
C LEU B 5 14.94 8.82 23.47
N ILE B 6 15.89 8.69 24.39
CA ILE B 6 17.25 9.20 24.20
C ILE B 6 18.27 8.12 24.49
N LEU B 7 18.96 7.69 23.43
CA LEU B 7 19.87 6.56 23.51
C LEU B 7 21.31 7.04 23.42
N GLN B 8 22.01 7.05 24.55
CA GLN B 8 23.36 7.56 24.60
C GLN B 8 24.31 6.55 23.97
N PRO B 9 25.32 7.06 23.23
CA PRO B 9 26.34 6.23 22.59
C PRO B 9 27.36 5.64 23.57
N ALA B 10 28.23 4.77 23.06
CA ALA B 10 29.25 4.12 23.87
C ALA B 10 30.30 5.13 24.38
N LYS B 11 30.60 6.12 23.54
CA LYS B 11 31.57 7.17 23.85
C LYS B 11 30.85 8.52 23.98
N PRO B 12 31.55 9.56 24.49
CA PRO B 12 30.88 10.86 24.67
C PRO B 12 30.31 11.39 23.36
N ALA B 13 29.01 11.69 23.36
CA ALA B 13 28.33 12.07 22.14
C ALA B 13 28.90 13.34 21.50
N ASP B 14 29.15 13.28 20.20
CA ASP B 14 29.53 14.47 19.44
C ASP B 14 28.70 14.59 18.15
N ALA B 15 27.72 13.70 18.03
CA ALA B 15 26.78 13.70 16.89
C ALA B 15 25.39 13.30 17.39
N CYS B 16 24.40 13.35 16.51
CA CYS B 16 23.02 13.04 16.89
C CYS B 16 22.12 12.75 15.69
N VAL B 17 21.26 11.74 15.84
CA VAL B 17 20.25 11.45 14.84
C VAL B 17 18.88 11.46 15.53
N ILE B 18 18.04 12.42 15.12
CA ILE B 18 16.63 12.45 15.50
C ILE B 18 15.82 11.65 14.43
N TRP B 19 15.15 10.60 14.89
CA TRP B 19 14.57 9.62 13.99
C TRP B 19 13.09 9.45 14.27
N LEU B 20 12.27 9.85 13.30
CA LEU B 20 10.83 9.87 13.49
C LEU B 20 10.15 8.63 12.95
N HIS B 21 9.15 8.13 13.67
CA HIS B 21 8.41 6.95 13.25
C HIS B 21 7.31 7.31 12.25
N GLY B 22 6.64 6.29 11.74
CA GLY B 22 5.49 6.52 10.87
C GLY B 22 4.16 6.53 11.59
N LEU B 23 3.07 6.56 10.82
CA LEU B 23 1.73 6.71 11.40
C LEU B 23 1.38 5.51 12.25
N GLY B 24 0.93 5.79 13.47
CA GLY B 24 0.45 4.74 14.35
C GLY B 24 1.51 4.05 15.18
N ALA B 25 2.77 4.18 14.81
CA ALA B 25 3.85 3.59 15.61
C ALA B 25 4.26 4.54 16.72
N ASP B 26 5.14 4.08 17.59
CA ASP B 26 5.59 4.96 18.67
C ASP B 26 7.10 5.10 18.69
N ARG B 27 7.61 5.82 19.68
CA ARG B 27 9.04 6.10 19.78
C ARG B 27 9.89 4.86 19.97
N TYR B 28 9.24 3.75 20.27
CA TYR B 28 9.94 2.50 20.48
C TYR B 28 10.13 1.73 19.18
N ASP B 29 9.41 2.14 18.13
CA ASP B 29 9.46 1.38 16.89
C ASP B 29 10.86 1.29 16.28
N PHE B 30 11.63 2.38 16.32
CA PHE B 30 12.99 2.39 15.74
C PHE B 30 14.12 2.27 16.74
N MET B 31 13.79 1.95 17.98
CA MET B 31 14.80 1.75 19.02
C MET B 31 15.74 0.59 18.71
N PRO B 32 15.20 -0.56 18.27
CA PRO B 32 16.10 -1.63 17.83
C PRO B 32 17.05 -1.19 16.71
N VAL B 33 16.55 -0.35 15.79
CA VAL B 33 17.35 0.14 14.68
C VAL B 33 18.46 1.02 15.21
N ALA B 34 18.12 2.01 16.03
CA ALA B 34 19.10 2.91 16.62
C ALA B 34 20.17 2.14 17.35
N GLU B 35 19.76 1.13 18.12
CA GLU B 35 20.71 0.32 18.87
C GLU B 35 21.75 -0.33 17.96
N ALA B 36 21.30 -0.85 16.83
CA ALA B 36 22.17 -1.58 15.91
C ALA B 36 23.26 -0.65 15.40
N LEU B 37 22.84 0.54 15.02
CA LEU B 37 23.68 1.57 14.45
C LEU B 37 24.75 2.04 15.43
N GLN B 38 24.37 2.16 16.70
CA GLN B 38 25.26 2.65 17.74
C GLN B 38 26.46 1.71 17.96
N GLU B 39 26.27 0.43 17.71
CA GLU B 39 27.36 -0.51 17.82
C GLU B 39 28.45 -0.27 16.78
N SER B 40 28.10 0.47 15.72
CA SER B 40 29.09 0.90 14.73
C SER B 40 29.42 2.40 14.91
N LEU B 41 28.45 3.17 15.40
CA LEU B 41 28.56 4.62 15.53
C LEU B 41 28.67 4.98 17.03
N LEU B 42 29.92 5.13 17.49
CA LEU B 42 30.21 5.08 18.92
C LEU B 42 29.98 6.39 19.64
N THR B 43 29.91 7.48 18.89
CA THR B 43 29.66 8.78 19.51
C THR B 43 28.42 9.48 18.94
N THR B 44 27.42 8.69 18.56
CA THR B 44 26.18 9.24 17.98
C THR B 44 24.98 8.94 18.86
N ARG B 45 24.35 10.00 19.35
CA ARG B 45 23.16 9.88 20.16
C ARG B 45 21.95 9.85 19.25
N PHE B 46 20.95 9.09 19.68
CA PHE B 46 19.70 8.98 18.91
C PHE B 46 18.59 9.44 19.82
N VAL B 47 17.83 10.45 19.40
CA VAL B 47 16.59 10.74 20.08
C VAL B 47 15.41 10.40 19.22
N LEU B 48 14.54 9.56 19.77
CA LEU B 48 13.37 9.07 19.04
C LEU B 48 12.12 9.71 19.59
N PRO B 49 11.63 10.79 18.95
CA PRO B 49 10.37 11.37 19.42
C PRO B 49 9.15 10.52 19.06
N GLN B 50 8.06 10.73 19.80
CA GLN B 50 6.78 10.13 19.46
C GLN B 50 5.81 11.22 19.10
N ALA B 51 5.11 11.02 17.99
CA ALA B 51 4.09 11.92 17.46
C ALA B 51 2.91 12.00 18.39
N PRO B 52 2.30 13.19 18.48
CA PRO B 52 1.08 13.44 19.26
C PRO B 52 -0.08 12.58 18.83
N THR B 53 -0.84 12.09 19.81
CA THR B 53 -1.94 11.18 19.56
C THR B 53 -3.15 11.99 19.13
N ARG B 54 -3.57 11.79 17.87
CA ARG B 54 -4.63 12.59 17.26
C ARG B 54 -5.59 11.68 16.49
N PRO B 55 -6.85 12.10 16.33
CA PRO B 55 -7.76 11.56 15.30
C PRO B 55 -7.14 11.60 13.88
N VAL B 56 -7.27 10.49 13.15
CA VAL B 56 -6.82 10.43 11.75
C VAL B 56 -8.04 10.10 10.88
N THR B 57 -8.32 10.98 9.93
CA THR B 57 -9.53 10.93 9.10
C THR B 57 -9.64 9.67 8.26
N ILE B 58 -8.57 9.33 7.55
CA ILE B 58 -8.59 8.13 6.74
C ILE B 58 -8.66 6.84 7.56
N ASN B 59 -8.43 6.93 8.87
CA ASN B 59 -8.64 5.78 9.75
C ASN B 59 -9.92 5.90 10.58
N GLY B 60 -10.82 6.78 10.14
CA GLY B 60 -12.13 6.86 10.75
C GLY B 60 -12.16 7.71 11.99
N GLY B 61 -11.11 8.50 12.20
CA GLY B 61 -11.00 9.27 13.43
C GLY B 61 -10.28 8.52 14.52
N TYR B 62 -9.94 7.24 14.29
CA TYR B 62 -9.20 6.44 15.26
C TYR B 62 -7.99 7.21 15.73
N GLU B 63 -7.84 7.28 17.05
CA GLU B 63 -6.79 8.06 17.68
C GLU B 63 -5.51 7.26 17.85
N MET B 64 -4.41 7.87 17.41
CA MET B 64 -3.17 7.13 17.25
C MET B 64 -2.03 8.08 16.99
N PRO B 65 -0.80 7.66 17.30
CA PRO B 65 0.32 8.60 17.11
C PRO B 65 0.41 9.10 15.64
N SER B 66 0.32 10.40 15.45
CA SER B 66 0.20 10.92 14.08
C SER B 66 0.90 12.26 13.93
N TRP B 67 1.80 12.34 12.94
CA TRP B 67 2.53 13.57 12.66
C TRP B 67 1.67 14.68 12.02
N TYR B 68 0.67 14.29 11.21
CA TYR B 68 -0.32 15.22 10.66
C TYR B 68 -1.49 14.42 10.06
N ASP B 69 -2.66 15.03 10.04
CA ASP B 69 -3.84 14.34 9.58
C ASP B 69 -3.74 14.04 8.10
N ILE B 70 -4.35 12.92 7.71
CA ILE B 70 -4.48 12.57 6.31
C ILE B 70 -5.97 12.43 6.02
N LYS B 71 -6.47 13.30 5.14
CA LYS B 71 -7.90 13.37 4.88
C LYS B 71 -8.41 12.56 3.67
N ALA B 72 -7.56 12.30 2.69
CA ALA B 72 -7.96 11.57 1.50
C ALA B 72 -6.69 10.97 0.89
N MET B 73 -6.84 9.84 0.21
CA MET B 73 -5.71 9.11 -0.39
C MET B 73 -5.77 9.23 -1.92
N SER B 74 -6.98 9.17 -2.47
CA SER B 74 -7.17 9.19 -3.91
C SER B 74 -8.40 10.00 -4.29
N PRO B 75 -8.38 10.58 -5.48
CA PRO B 75 -7.16 10.60 -6.29
C PRO B 75 -6.33 11.85 -6.05
N ALA B 76 -6.88 12.82 -5.32
CA ALA B 76 -6.09 13.96 -4.88
C ALA B 76 -5.84 13.75 -3.40
N ARG B 77 -4.58 13.67 -3.00
CA ARG B 77 -4.25 13.53 -1.60
C ARG B 77 -4.54 14.82 -0.85
N SER B 78 -4.90 14.68 0.42
CA SER B 78 -5.18 15.81 1.28
C SER B 78 -4.59 15.58 2.69
N ILE B 79 -3.71 16.47 3.12
CA ILE B 79 -3.18 16.40 4.49
C ILE B 79 -3.42 17.72 5.24
N SER B 80 -3.21 17.67 6.55
CA SER B 80 -3.30 18.88 7.36
C SER B 80 -1.97 19.61 7.44
N LEU B 81 -1.89 20.79 6.83
CA LEU B 81 -0.64 21.55 6.84
C LEU B 81 -0.36 22.11 8.22
N GLU B 82 -1.41 22.53 8.90
CA GLU B 82 -1.31 22.95 10.28
C GLU B 82 -0.52 21.98 11.16
N GLU B 83 -0.93 20.71 11.19
CA GLU B 83 -0.31 19.72 12.08
C GLU B 83 1.10 19.36 11.65
N LEU B 84 1.34 19.42 10.34
CA LEU B 84 2.67 19.13 9.81
C LEU B 84 3.68 20.16 10.33
N GLU B 85 3.28 21.42 10.33
CA GLU B 85 4.10 22.51 10.84
C GLU B 85 4.37 22.40 12.35
N VAL B 86 3.37 22.02 13.15
CA VAL B 86 3.61 21.89 14.58
C VAL B 86 4.58 20.75 14.86
N SER B 87 4.45 19.66 14.09
CA SER B 87 5.43 18.57 14.11
C SER B 87 6.82 19.06 13.69
N ALA B 88 6.86 19.90 12.65
CA ALA B 88 8.10 20.45 12.08
C ALA B 88 8.75 21.41 13.07
N LYS B 89 7.91 22.21 13.73
CA LYS B 89 8.40 23.15 14.72
C LYS B 89 8.88 22.44 15.97
N MET B 90 8.23 21.32 16.31
CA MET B 90 8.73 20.49 17.38
C MET B 90 10.04 19.76 17.03
N VAL B 91 10.29 19.50 15.74
CA VAL B 91 11.55 18.87 15.31
C VAL B 91 12.69 19.87 15.49
N THR B 92 12.46 21.08 15.02
CA THR B 92 13.44 22.15 15.12
C THR B 92 13.83 22.36 16.58
N ASP B 93 12.84 22.37 17.47
CA ASP B 93 13.10 22.58 18.89
C ASP B 93 14.04 21.52 19.42
N LEU B 94 13.92 20.31 18.85
CA LEU B 94 14.76 19.21 19.26
C LEU B 94 16.16 19.41 18.70
N ILE B 95 16.27 20.11 17.57
CA ILE B 95 17.60 20.38 17.02
C ILE B 95 18.30 21.43 17.88
N GLU B 96 17.55 22.48 18.24
CA GLU B 96 18.07 23.55 19.08
C GLU B 96 18.39 23.06 20.49
N ALA B 97 17.73 21.98 20.89
CA ALA B 97 18.02 21.34 22.17
C ALA B 97 19.33 20.58 22.11
N GLN B 98 19.58 19.89 21.00
CA GLN B 98 20.84 19.15 20.84
C GLN B 98 22.01 20.09 20.75
N LYS B 99 21.84 21.19 20.02
CA LYS B 99 22.87 22.24 19.91
C LYS B 99 23.23 22.72 21.32
N ARG B 100 22.19 23.00 22.10
CA ARG B 100 22.29 23.52 23.46
C ARG B 100 23.09 22.60 24.39
N THR B 101 23.04 21.29 24.13
CA THR B 101 23.82 20.32 24.89
C THR B 101 25.30 20.37 24.49
N GLY B 102 25.55 20.80 23.26
CA GLY B 102 26.92 20.92 22.80
C GLY B 102 27.22 20.03 21.63
N ILE B 103 26.20 19.81 20.79
CA ILE B 103 26.39 19.19 19.46
C ILE B 103 26.35 20.28 18.39
N ASP B 104 27.29 20.22 17.44
CA ASP B 104 27.26 21.15 16.33
C ASP B 104 26.15 20.74 15.36
N ALA B 105 25.50 21.74 14.76
CA ALA B 105 24.39 21.50 13.88
C ALA B 105 24.78 20.57 12.74
N SER B 106 25.98 20.76 12.21
CA SER B 106 26.41 20.00 11.06
C SER B 106 26.73 18.54 11.42
N ARG B 107 26.51 18.20 12.68
CA ARG B 107 26.70 16.82 13.11
C ARG B 107 25.38 16.21 13.53
N ILE B 108 24.32 16.99 13.35
CA ILE B 108 22.95 16.56 13.60
C ILE B 108 22.24 16.13 12.29
N PHE B 109 21.68 14.92 12.32
CA PHE B 109 20.90 14.38 11.22
C PHE B 109 19.43 14.28 11.56
N LEU B 110 18.57 14.49 10.56
CA LEU B 110 17.14 14.18 10.69
C LEU B 110 16.86 12.92 9.89
N ALA B 111 16.09 12.02 10.48
CA ALA B 111 15.71 10.79 9.78
C ALA B 111 14.26 10.47 10.00
N GLY B 112 13.62 9.93 8.98
CA GLY B 112 12.19 9.72 9.10
C GLY B 112 11.75 8.54 8.29
N PHE B 113 10.79 7.79 8.82
CA PHE B 113 10.14 6.75 8.08
C PHE B 113 8.66 7.06 7.82
N SER B 114 8.23 6.80 6.58
CA SER B 114 6.88 7.08 6.09
C SER B 114 6.39 8.48 6.44
N GLN B 115 5.40 8.57 7.31
CA GLN B 115 4.85 9.86 7.69
C GLN B 115 5.93 10.71 8.40
N GLY B 116 6.81 10.01 9.12
CA GLY B 116 7.90 10.69 9.80
C GLY B 116 8.83 11.36 8.83
N GLY B 117 8.99 10.76 7.65
CA GLY B 117 9.87 11.28 6.62
C GLY B 117 9.36 12.52 5.91
N ALA B 118 8.05 12.68 5.82
CA ALA B 118 7.47 13.85 5.19
C ALA B 118 7.72 15.10 6.03
N VAL B 119 7.69 14.94 7.35
CA VAL B 119 7.95 16.03 8.30
C VAL B 119 9.44 16.45 8.26
N VAL B 120 10.31 15.47 8.12
CA VAL B 120 11.76 15.64 8.10
C VAL B 120 12.28 16.38 6.83
N PHE B 121 11.71 16.05 5.67
CA PHE B 121 11.91 16.82 4.44
C PHE B 121 11.49 18.26 4.65
N HIS B 122 10.32 18.46 5.25
CA HIS B 122 9.74 19.79 5.38
C HIS B 122 10.55 20.67 6.33
N THR B 123 11.03 20.07 7.40
CA THR B 123 11.84 20.76 8.38
C THR B 123 13.18 21.18 7.77
N ALA B 124 13.85 20.24 7.10
CA ALA B 124 15.17 20.46 6.51
C ALA B 124 15.16 21.50 5.39
N PHE B 125 14.29 21.28 4.42
CA PHE B 125 14.41 21.94 3.14
C PHE B 125 13.39 23.04 2.94
N ILE B 126 12.66 23.37 4.01
CA ILE B 126 11.69 24.45 3.92
C ILE B 126 11.80 25.40 5.09
N ASN B 127 11.90 24.82 6.29
CA ASN B 127 12.00 25.58 7.53
C ASN B 127 13.43 26.00 7.89
N TRP B 128 14.34 25.03 7.96
CA TRP B 128 15.64 25.19 8.62
C TRP B 128 16.70 25.89 7.76
N GLN B 129 17.14 27.06 8.19
CA GLN B 129 18.01 27.93 7.39
C GLN B 129 19.47 27.92 7.85
N GLY B 130 19.85 26.87 8.58
CA GLY B 130 21.19 26.81 9.13
C GLY B 130 21.96 25.54 8.81
N PRO B 131 23.08 25.29 9.50
CA PRO B 131 23.84 24.04 9.38
C PRO B 131 23.02 22.83 9.80
N LEU B 132 23.22 21.72 9.10
CA LEU B 132 22.55 20.45 9.38
C LEU B 132 23.35 19.33 8.71
N GLY B 133 23.54 18.23 9.41
CA GLY B 133 24.36 17.15 8.89
C GLY B 133 23.73 16.38 7.75
N GLY B 134 22.41 16.25 7.74
CA GLY B 134 21.76 15.56 6.65
C GLY B 134 20.36 15.08 6.96
N VAL B 135 19.77 14.42 5.97
CA VAL B 135 18.41 13.90 6.05
C VAL B 135 18.40 12.50 5.48
N ILE B 136 17.78 11.59 6.20
CA ILE B 136 17.63 10.20 5.77
C ILE B 136 16.15 9.93 5.65
N ALA B 137 15.70 9.62 4.43
CA ALA B 137 14.28 9.41 4.17
C ALA B 137 14.00 7.96 3.81
N LEU B 138 13.21 7.29 4.65
CA LEU B 138 12.80 5.91 4.40
C LEU B 138 11.35 5.79 3.92
N SER B 139 11.15 5.21 2.76
CA SER B 139 9.81 4.84 2.32
C SER B 139 8.82 6.01 2.43
N THR B 140 9.24 7.16 1.94
CA THR B 140 8.52 8.39 2.21
C THR B 140 8.37 9.32 0.98
N TYR B 141 7.86 10.52 1.22
CA TYR B 141 7.84 11.52 0.14
C TYR B 141 7.67 12.90 0.70
N ALA B 142 7.67 13.89 -0.18
CA ALA B 142 7.53 15.27 0.28
C ALA B 142 6.20 15.92 -0.16
N PRO B 143 5.17 15.83 0.71
CA PRO B 143 3.87 16.43 0.42
C PRO B 143 3.93 17.94 0.15
N THR B 144 4.90 18.61 0.73
CA THR B 144 5.02 20.06 0.56
C THR B 144 6.04 20.53 -0.47
N PHE B 145 6.73 19.60 -1.14
CA PHE B 145 7.51 19.99 -2.32
C PHE B 145 6.58 20.22 -3.51
N GLY B 146 6.99 21.04 -4.47
CA GLY B 146 6.17 21.35 -5.64
C GLY B 146 7.03 22.06 -6.66
N ASP B 147 6.41 22.47 -7.77
CA ASP B 147 7.11 23.15 -8.87
C ASP B 147 7.79 24.44 -8.42
N GLU B 148 7.25 25.04 -7.37
CA GLU B 148 7.76 26.32 -6.86
C GLU B 148 8.87 26.22 -5.79
N LEU B 149 9.27 25.00 -5.44
CA LEU B 149 10.34 24.75 -4.47
C LEU B 149 11.62 25.49 -4.91
N GLU B 150 12.14 26.36 -4.03
CA GLU B 150 13.45 27.02 -4.17
C GLU B 150 14.26 26.95 -2.87
N LEU B 151 15.49 26.48 -2.92
CA LEU B 151 16.28 26.30 -1.69
C LEU B 151 17.28 27.42 -1.46
N SER B 152 17.50 27.74 -0.18
CA SER B 152 18.58 28.63 0.22
C SER B 152 19.94 27.96 0.05
N ALA B 153 21.00 28.75 -0.06
CA ALA B 153 22.35 28.20 -0.25
C ALA B 153 22.74 27.20 0.83
N SER B 154 22.19 27.38 2.02
CA SER B 154 22.49 26.49 3.14
C SER B 154 21.65 25.23 3.11
N GLN B 155 20.38 25.36 2.71
CA GLN B 155 19.49 24.23 2.47
C GLN B 155 20.10 23.32 1.40
N GLN B 156 20.75 23.94 0.41
CA GLN B 156 21.39 23.20 -0.68
C GLN B 156 22.57 22.36 -0.24
N ARG B 157 23.14 22.69 0.92
CA ARG B 157 24.34 22.05 1.42
C ARG B 157 24.02 20.87 2.34
N ILE B 158 22.74 20.65 2.62
CA ILE B 158 22.32 19.52 3.45
C ILE B 158 22.25 18.21 2.64
N PRO B 159 23.10 17.24 2.97
CA PRO B 159 23.13 16.00 2.18
C PRO B 159 21.91 15.14 2.48
N ALA B 160 21.53 14.27 1.56
CA ALA B 160 20.36 13.42 1.78
C ALA B 160 20.52 12.01 1.26
N LEU B 161 19.87 11.07 1.94
CA LEU B 161 19.82 9.70 1.47
C LEU B 161 18.34 9.34 1.42
N CYS B 162 17.84 8.98 0.24
CA CYS B 162 16.43 8.61 0.09
C CYS B 162 16.39 7.14 -0.22
N LEU B 163 15.66 6.36 0.57
CA LEU B 163 15.59 4.90 0.40
C LEU B 163 14.13 4.49 0.24
N HIS B 164 13.90 3.43 -0.54
CA HIS B 164 12.56 3.02 -0.92
C HIS B 164 12.48 1.54 -1.27
N GLY B 165 11.29 0.99 -1.04
CA GLY B 165 10.94 -0.32 -1.56
C GLY B 165 10.35 -0.23 -2.96
N GLN B 166 10.81 -1.11 -3.84
CA GLN B 166 10.23 -1.27 -5.16
C GLN B 166 8.73 -1.59 -5.16
N TYR B 167 8.27 -2.22 -4.09
CA TYR B 167 6.90 -2.70 -4.05
C TYR B 167 6.09 -2.10 -2.96
N ASP B 168 6.41 -0.85 -2.65
CA ASP B 168 5.64 -0.11 -1.69
C ASP B 168 4.31 0.34 -2.32
N ASP B 169 3.22 -0.04 -1.65
CA ASP B 169 1.84 0.21 -2.07
C ASP B 169 1.17 1.23 -1.18
N VAL B 170 1.85 1.68 -0.13
CA VAL B 170 1.36 2.75 0.74
C VAL B 170 1.89 4.10 0.25
N VAL B 171 3.19 4.18 0.04
CA VAL B 171 3.77 5.35 -0.59
C VAL B 171 4.54 4.83 -1.79
N GLN B 172 4.01 5.09 -2.98
CA GLN B 172 4.60 4.54 -4.19
C GLN B 172 6.04 4.95 -4.33
N ASN B 173 6.80 4.05 -4.91
CA ASN B 173 8.20 4.23 -5.22
C ASN B 173 8.31 5.52 -6.01
N ALA B 174 7.34 5.76 -6.87
CA ALA B 174 7.34 6.96 -7.71
C ALA B 174 7.20 8.28 -6.95
N MET B 175 6.55 8.21 -5.78
CA MET B 175 6.36 9.34 -4.87
C MET B 175 7.66 9.66 -4.11
N GLY B 176 8.34 8.63 -3.61
CA GLY B 176 9.71 8.80 -3.15
C GLY B 176 10.71 9.32 -4.20
N ARG B 177 10.57 8.82 -5.43
CA ARG B 177 11.48 9.16 -6.50
C ARG B 177 11.31 10.65 -6.78
N SER B 178 10.09 11.13 -6.66
CA SER B 178 9.84 12.52 -6.90
C SER B 178 10.44 13.45 -5.81
N ALA B 179 10.47 13.02 -4.55
CA ALA B 179 11.19 13.83 -3.53
C ALA B 179 12.67 13.94 -3.83
N PHE B 180 13.24 12.83 -4.33
CA PHE B 180 14.62 12.70 -4.76
C PHE B 180 14.91 13.62 -5.95
N GLU B 181 13.96 13.70 -6.88
CA GLU B 181 14.21 14.42 -8.12
C GLU B 181 14.09 15.91 -7.87
N HIS B 182 13.22 16.29 -6.94
CA HIS B 182 13.11 17.71 -6.57
C HIS B 182 14.34 18.20 -5.81
N LEU B 183 15.00 17.29 -5.13
CA LEU B 183 16.16 17.63 -4.28
C LEU B 183 17.41 17.65 -5.17
N LYS B 184 17.44 16.73 -6.13
CA LYS B 184 18.55 16.64 -7.05
C LYS B 184 18.48 17.78 -8.09
N SER B 185 17.29 18.16 -8.49
CA SER B 185 17.17 19.27 -9.41
C SER B 185 17.56 20.60 -8.78
N ARG B 186 17.54 20.70 -7.45
CA ARG B 186 17.82 21.99 -6.83
C ARG B 186 19.24 22.02 -6.26
N GLY B 187 20.09 21.12 -6.74
CA GLY B 187 21.49 21.16 -6.38
C GLY B 187 21.86 20.52 -5.04
N VAL B 188 20.97 19.71 -4.50
CA VAL B 188 21.25 18.98 -3.24
C VAL B 188 22.02 17.71 -3.58
N THR B 189 22.99 17.37 -2.74
CA THR B 189 23.62 16.07 -2.86
C THR B 189 22.69 14.99 -2.28
N VAL B 190 21.94 14.35 -3.17
CA VAL B 190 21.09 13.18 -2.86
C VAL B 190 21.63 11.86 -3.42
N THR B 191 21.40 10.80 -2.65
CA THR B 191 21.61 9.44 -3.10
C THR B 191 20.31 8.63 -3.00
N TRP B 192 20.05 7.84 -4.04
CA TRP B 192 18.83 7.05 -4.11
C TRP B 192 19.20 5.59 -3.98
N GLN B 193 18.41 4.86 -3.20
CA GLN B 193 18.65 3.43 -3.06
C GLN B 193 17.34 2.74 -2.88
N GLU B 194 17.08 1.81 -3.78
CA GLU B 194 15.85 1.03 -3.83
C GLU B 194 16.09 -0.36 -3.31
N TYR B 195 15.04 -1.01 -2.82
CA TYR B 195 15.14 -2.38 -2.31
C TYR B 195 13.95 -3.22 -2.73
N PRO B 196 14.13 -4.54 -2.85
CA PRO B 196 13.00 -5.41 -3.23
C PRO B 196 12.18 -5.82 -2.01
N MET B 197 11.46 -4.83 -1.50
CA MET B 197 10.61 -4.92 -0.32
C MET B 197 9.39 -4.02 -0.55
N GLY B 198 8.54 -3.93 0.47
CA GLY B 198 7.39 -3.04 0.47
C GLY B 198 7.60 -1.91 1.42
N HIS B 199 6.58 -1.62 2.23
CA HIS B 199 6.63 -0.55 3.21
C HIS B 199 7.14 -1.09 4.55
N GLU B 200 8.47 -1.19 4.65
CA GLU B 200 9.12 -1.93 5.70
C GLU B 200 10.59 -1.54 5.64
N VAL B 201 11.39 -2.08 6.57
CA VAL B 201 12.80 -1.81 6.65
C VAL B 201 13.53 -3.16 6.61
N LEU B 202 14.54 -3.26 5.74
CA LEU B 202 15.42 -4.43 5.67
C LEU B 202 16.75 -4.20 6.45
N PRO B 203 17.37 -5.28 6.97
CA PRO B 203 18.74 -5.39 7.47
C PRO B 203 19.78 -4.71 6.57
N GLN B 204 19.67 -4.98 5.27
CA GLN B 204 20.57 -4.39 4.28
C GLN B 204 20.36 -2.86 4.16
N GLU B 205 19.12 -2.41 4.29
CA GLU B 205 18.89 -0.97 4.31
C GLU B 205 19.54 -0.29 5.53
N ILE B 206 19.43 -0.89 6.71
CA ILE B 206 20.01 -0.28 7.91
C ILE B 206 21.53 -0.28 7.83
N HIS B 207 22.09 -1.35 7.28
CA HIS B 207 23.48 -1.45 6.93
C HIS B 207 23.90 -0.22 6.11
N ASP B 208 23.11 0.10 5.09
CA ASP B 208 23.44 1.18 4.17
C ASP B 208 23.34 2.51 4.87
N ILE B 209 22.38 2.63 5.76
CA ILE B 209 22.20 3.90 6.44
C ILE B 209 23.41 4.18 7.34
N GLY B 210 23.94 3.11 7.95
CA GLY B 210 25.10 3.25 8.80
C GLY B 210 26.36 3.67 8.08
N ALA B 211 26.56 3.12 6.89
CA ALA B 211 27.75 3.38 6.08
C ALA B 211 27.67 4.77 5.51
N TRP B 212 26.45 5.21 5.19
CA TRP B 212 26.23 6.60 4.81
C TRP B 212 26.57 7.51 5.99
N LEU B 213 26.14 7.12 7.19
CA LEU B 213 26.37 7.94 8.37
C LEU B 213 27.84 7.99 8.73
N ALA B 214 28.51 6.85 8.64
CA ALA B 214 29.95 6.74 8.86
C ALA B 214 30.74 7.65 7.94
N ALA B 215 30.34 7.71 6.67
CA ALA B 215 31.00 8.55 5.68
C ALA B 215 30.81 10.02 6.05
N ARG B 216 29.59 10.35 6.48
CA ARG B 216 29.18 11.74 6.72
C ARG B 216 29.90 12.35 7.92
N LEU B 217 30.15 11.51 8.93
CA LEU B 217 30.81 11.92 10.17
C LEU B 217 32.31 11.60 10.11
N GLY B 218 32.77 11.15 8.94
CA GLY B 218 34.19 11.09 8.67
C GLY B 218 34.63 12.17 7.69
#